data_5VA6
#
_entry.id   5VA6
#
_cell.length_a   101.310
_cell.length_b   86.810
_cell.length_c   74.040
_cell.angle_alpha   90.00
_cell.angle_beta   127.83
_cell.angle_gamma   90.00
#
_symmetry.space_group_name_H-M   'C 1 2 1'
#
loop_
_entity.id
_entity.type
_entity.pdbx_description
1 polymer 'Probable Histone-lysine N-methyltransferase ATXR5'
2 polymer 'Histone H3.1'
3 non-polymer S-ADENOSYL-L-HOMOCYSTEINE
4 water water
#
loop_
_entity_poly.entity_id
_entity_poly.type
_entity_poly.pdbx_seq_one_letter_code
_entity_poly.pdbx_strand_id
1 'polypeptide(L)'
;RRRSGSLVYQKRRRRLLPFVSSEDPAQRLKQMGTLASALTELQMEFSDDLTYSSGMAPRSANQARFEEGGMQVLTKEDIE
TLEQCRAMCKRGDCPPLLVVFDSREGFTVEADGQIKDMTFIAEYTGDVDYIRNREHDDCDSMMTLLLAKDPSSSLVICPD
KRGNIARFISGINNHTLDAKKKQNCKCVRYSVNGECRVFLVATRDIAKGERLYYDYNGYEHEYPTQHFV
;
A,B
2 'polypeptide(L)' QLATKAA(NMM)KSAPATGGVK C,D
#
# COMPACT_ATOMS: atom_id res chain seq x y z
N ARG A 14 35.53 -16.19 7.89
CA ARG A 14 34.16 -16.12 7.37
C ARG A 14 33.90 -14.79 6.69
N ARG A 15 33.41 -14.83 5.45
CA ARG A 15 33.19 -13.62 4.66
C ARG A 15 31.71 -13.51 4.25
N LEU A 16 31.15 -12.27 4.26
CA LEU A 16 29.79 -11.97 3.77
C LEU A 16 29.81 -12.24 2.29
N LEU A 17 28.68 -12.69 1.76
CA LEU A 17 28.58 -12.97 0.34
C LEU A 17 27.48 -12.12 -0.23
N PRO A 18 27.66 -11.61 -1.48
CA PRO A 18 26.56 -10.86 -2.09
C PRO A 18 25.50 -11.87 -2.52
N PHE A 19 24.24 -11.44 -2.56
CA PHE A 19 23.18 -12.34 -3.01
C PHE A 19 23.22 -12.50 -4.52
N VAL A 20 22.55 -13.55 -5.01
CA VAL A 20 22.40 -13.84 -6.43
C VAL A 20 20.93 -13.52 -6.72
N SER A 21 20.69 -12.39 -7.40
CA SER A 21 19.35 -11.98 -7.79
C SER A 21 18.87 -12.86 -8.94
N SER A 22 17.55 -13.02 -9.06
CA SER A 22 16.86 -13.82 -10.05
C SER A 22 17.17 -13.37 -11.46
N GLU A 23 17.62 -14.31 -12.27
CA GLU A 23 18.02 -14.09 -13.66
C GLU A 23 16.92 -13.58 -14.59
N ASP A 24 15.68 -13.97 -14.32
CA ASP A 24 14.49 -13.57 -15.07
C ASP A 24 14.07 -12.15 -14.61
N PRO A 25 14.09 -11.14 -15.53
CA PRO A 25 13.69 -9.75 -15.16
C PRO A 25 12.26 -9.64 -14.61
N ALA A 26 11.32 -10.42 -15.18
CA ALA A 26 9.92 -10.51 -14.80
C ALA A 26 9.77 -11.04 -13.36
N GLN A 27 10.64 -11.97 -12.95
CA GLN A 27 10.69 -12.58 -11.61
C GLN A 27 11.14 -11.52 -10.58
N ARG A 28 12.15 -10.68 -10.94
CA ARG A 28 12.60 -9.57 -10.08
C ARG A 28 11.48 -8.52 -9.92
N LEU A 29 10.70 -8.27 -11.00
CA LEU A 29 9.58 -7.32 -11.03
C LEU A 29 8.50 -7.76 -10.06
N LYS A 30 8.11 -9.05 -10.16
CA LYS A 30 7.14 -9.75 -9.34
C LYS A 30 7.53 -9.65 -7.83
N GLN A 31 8.84 -9.90 -7.53
CA GLN A 31 9.42 -9.83 -6.18
C GLN A 31 9.26 -8.43 -5.57
N MET A 32 9.78 -7.41 -6.28
CA MET A 32 9.71 -5.98 -5.95
C MET A 32 8.28 -5.52 -5.73
N GLY A 33 7.34 -6.08 -6.50
CA GLY A 33 5.91 -5.84 -6.40
C GLY A 33 5.24 -6.33 -5.13
N THR A 34 5.72 -7.46 -4.57
CA THR A 34 5.18 -8.02 -3.34
C THR A 34 5.55 -7.16 -2.15
N LEU A 35 6.74 -6.55 -2.22
CA LEU A 35 7.27 -5.62 -1.23
C LEU A 35 6.49 -4.32 -1.33
N ALA A 36 6.32 -3.80 -2.57
CA ALA A 36 5.55 -2.59 -2.82
C ALA A 36 4.12 -2.73 -2.31
N SER A 37 3.47 -3.89 -2.55
CA SER A 37 2.11 -4.16 -2.09
C SER A 37 2.01 -4.16 -0.58
N ALA A 38 2.90 -4.88 0.13
CA ALA A 38 2.97 -4.92 1.60
C ALA A 38 3.26 -3.54 2.23
N LEU A 39 4.18 -2.74 1.65
CA LEU A 39 4.49 -1.35 2.09
C LEU A 39 3.23 -0.47 1.94
N THR A 40 2.57 -0.52 0.75
CA THR A 40 1.32 0.19 0.44
C THR A 40 0.22 -0.21 1.42
N GLU A 41 0.13 -1.52 1.75
CA GLU A 41 -0.81 -2.07 2.72
C GLU A 41 -0.66 -1.46 4.12
N LEU A 42 0.61 -1.17 4.53
CA LEU A 42 0.94 -0.58 5.83
C LEU A 42 1.11 0.94 5.76
N GLN A 43 0.79 1.54 4.59
CA GLN A 43 0.89 2.98 4.29
C GLN A 43 2.30 3.54 4.52
N MET A 44 3.30 2.78 4.07
CA MET A 44 4.73 3.05 4.18
C MET A 44 5.37 3.45 2.86
N GLU A 45 6.48 4.21 2.95
CA GLU A 45 7.31 4.54 1.76
C GLU A 45 8.55 3.66 1.82
N PHE A 46 9.01 3.17 0.67
CA PHE A 46 10.24 2.39 0.60
C PHE A 46 11.42 3.28 0.97
N SER A 47 12.41 2.70 1.69
CA SER A 47 13.66 3.35 2.13
C SER A 47 14.69 2.25 2.38
N ASP A 48 15.77 2.23 1.59
CA ASP A 48 16.80 1.20 1.77
C ASP A 48 17.98 1.67 2.61
N ASP A 49 17.76 2.78 3.34
CA ASP A 49 18.68 3.40 4.26
C ASP A 49 17.97 3.83 5.58
N LEU A 50 18.78 4.14 6.60
CA LEU A 50 18.34 4.68 7.89
C LEU A 50 18.03 6.15 7.67
N THR A 51 16.87 6.58 8.15
CA THR A 51 16.41 7.96 8.02
C THR A 51 16.41 8.66 9.38
N TYR A 52 16.90 9.88 9.42
CA TYR A 52 17.02 10.68 10.65
C TYR A 52 16.06 11.88 10.55
N SER A 53 14.86 11.71 11.12
CA SER A 53 13.75 12.69 11.06
C SER A 53 13.68 13.70 12.23
N SER A 54 12.86 14.76 12.03
CA SER A 54 12.61 15.84 12.99
C SER A 54 11.86 15.31 14.18
N GLY A 55 12.22 15.82 15.36
CA GLY A 55 11.60 15.44 16.63
C GLY A 55 11.94 14.03 17.05
N MET A 56 12.93 13.45 16.37
CA MET A 56 13.44 12.10 16.56
C MET A 56 14.97 12.27 16.73
N ALA A 57 15.76 11.23 16.44
CA ALA A 57 17.22 11.29 16.57
C ALA A 57 18.00 11.87 15.39
N PRO A 58 19.00 12.76 15.65
CA PRO A 58 19.86 13.21 14.53
C PRO A 58 20.88 12.14 14.17
N ARG A 59 21.50 12.24 12.97
CA ARG A 59 22.51 11.30 12.52
C ARG A 59 23.71 11.24 13.46
N SER A 60 23.99 12.36 14.16
CA SER A 60 25.05 12.55 15.14
C SER A 60 24.90 11.61 16.35
N ALA A 61 23.65 11.28 16.73
CA ALA A 61 23.30 10.35 17.81
C ALA A 61 23.76 8.93 17.43
N ASN A 62 23.74 8.60 16.12
CA ASN A 62 24.18 7.27 15.71
C ASN A 62 25.71 7.15 15.66
N GLN A 63 26.33 6.84 16.83
CA GLN A 63 27.77 6.70 16.96
C GLN A 63 28.10 5.42 17.75
N ALA A 64 28.72 4.46 17.05
CA ALA A 64 29.06 3.14 17.57
C ALA A 64 29.89 3.06 18.87
N ARG A 65 30.69 4.10 19.17
CA ARG A 65 31.50 4.18 20.40
C ARG A 65 30.64 4.26 21.66
N PHE A 66 29.33 4.53 21.49
CA PHE A 66 28.35 4.62 22.57
C PHE A 66 27.82 3.23 22.99
N GLU A 67 28.00 2.17 22.15
CA GLU A 67 27.53 0.81 22.49
C GLU A 67 28.19 0.30 23.78
N GLU A 68 27.37 -0.04 24.79
CA GLU A 68 27.86 -0.54 26.09
C GLU A 68 28.51 -1.89 25.89
N GLY A 69 29.84 -1.90 25.93
CA GLY A 69 30.64 -3.11 25.76
C GLY A 69 31.35 -3.13 24.43
N GLY A 70 30.96 -2.25 23.52
CA GLY A 70 31.58 -2.11 22.22
C GLY A 70 30.83 -2.80 21.10
N MET A 71 31.20 -2.43 19.87
CA MET A 71 30.57 -2.98 18.69
C MET A 71 31.62 -3.41 17.71
N GLN A 72 31.46 -4.63 17.18
CA GLN A 72 32.34 -5.24 16.17
C GLN A 72 32.38 -4.31 14.92
N VAL A 73 33.51 -4.27 14.23
CA VAL A 73 33.63 -3.39 13.07
C VAL A 73 33.57 -4.16 11.78
N LEU A 74 32.79 -3.64 10.82
CA LEU A 74 32.69 -4.23 9.52
C LEU A 74 34.01 -3.91 8.78
N THR A 75 34.70 -4.99 8.31
CA THR A 75 35.98 -4.99 7.60
C THR A 75 35.85 -4.34 6.20
N LYS A 76 36.98 -3.98 5.55
CA LYS A 76 36.98 -3.37 4.21
C LYS A 76 36.36 -4.31 3.16
N GLU A 77 36.69 -5.61 3.25
CA GLU A 77 36.26 -6.73 2.39
C GLU A 77 34.72 -6.86 2.40
N ASP A 78 34.11 -6.85 3.62
CA ASP A 78 32.67 -6.95 3.84
C ASP A 78 31.89 -5.65 3.57
N ILE A 79 32.56 -4.48 3.68
CA ILE A 79 31.96 -3.19 3.34
C ILE A 79 31.73 -3.13 1.82
N GLU A 80 32.74 -3.57 1.01
CA GLU A 80 32.68 -3.64 -0.46
C GLU A 80 31.52 -4.56 -0.90
N THR A 81 31.32 -5.66 -0.16
CA THR A 81 30.22 -6.61 -0.35
C THR A 81 28.88 -5.89 -0.11
N LEU A 82 28.73 -5.18 1.03
CA LEU A 82 27.55 -4.36 1.39
C LEU A 82 27.24 -3.34 0.25
N GLU A 83 28.25 -2.51 -0.18
CA GLU A 83 28.12 -1.53 -1.26
C GLU A 83 27.67 -2.18 -2.60
N GLN A 84 28.21 -3.38 -2.90
CA GLN A 84 27.89 -4.21 -4.07
C GLN A 84 26.40 -4.62 -4.08
N CYS A 85 25.86 -5.03 -2.93
CA CYS A 85 24.46 -5.40 -2.75
C CYS A 85 23.56 -4.17 -2.92
N ARG A 86 23.89 -3.06 -2.24
CA ARG A 86 23.18 -1.76 -2.32
C ARG A 86 23.18 -1.17 -3.73
N ALA A 87 24.30 -1.31 -4.47
CA ALA A 87 24.37 -0.80 -5.84
C ALA A 87 23.41 -1.62 -6.69
N MET A 88 23.40 -2.98 -6.47
CA MET A 88 22.53 -3.95 -7.15
C MET A 88 21.05 -3.63 -6.93
N CYS A 89 20.64 -3.35 -5.67
CA CYS A 89 19.28 -2.97 -5.30
C CYS A 89 18.84 -1.74 -6.09
N LYS A 90 19.71 -0.73 -6.12
CA LYS A 90 19.57 0.56 -6.77
C LYS A 90 19.34 0.36 -8.28
N ARG A 91 20.18 -0.46 -8.94
CA ARG A 91 20.10 -0.75 -10.38
C ARG A 91 18.90 -1.61 -10.78
N GLY A 92 18.35 -2.38 -9.84
CA GLY A 92 17.18 -3.20 -10.05
C GLY A 92 17.29 -4.66 -9.60
N ASP A 93 18.52 -5.12 -9.26
CA ASP A 93 18.80 -6.49 -8.80
C ASP A 93 18.55 -6.67 -7.30
N CYS A 94 17.27 -6.80 -6.93
CA CYS A 94 16.86 -6.98 -5.55
C CYS A 94 17.28 -8.37 -5.01
N PRO A 95 17.35 -8.62 -3.67
CA PRO A 95 17.65 -10.00 -3.22
C PRO A 95 16.49 -10.92 -3.64
N PRO A 96 16.74 -12.24 -3.87
CA PRO A 96 15.64 -13.12 -4.34
C PRO A 96 14.68 -13.51 -3.22
N LEU A 97 13.92 -12.53 -2.73
CA LEU A 97 12.94 -12.62 -1.64
C LEU A 97 11.58 -12.22 -2.17
N LEU A 98 10.52 -12.82 -1.58
CA LEU A 98 9.13 -12.60 -1.92
C LEU A 98 8.35 -12.29 -0.63
N VAL A 99 7.55 -11.20 -0.63
CA VAL A 99 6.72 -10.90 0.54
C VAL A 99 5.41 -11.65 0.30
N VAL A 100 5.01 -12.48 1.24
CA VAL A 100 3.82 -13.31 1.13
C VAL A 100 2.97 -13.16 2.42
N PHE A 101 1.66 -12.92 2.25
CA PHE A 101 0.77 -12.81 3.40
C PHE A 101 0.42 -14.21 3.86
N ASP A 102 0.56 -14.45 5.17
CA ASP A 102 0.23 -15.69 5.85
C ASP A 102 -0.76 -15.34 6.99
N SER A 103 -1.91 -16.00 7.05
CA SER A 103 -2.95 -15.73 8.07
C SER A 103 -2.54 -15.99 9.52
N ARG A 104 -1.53 -16.85 9.73
CA ARG A 104 -1.05 -17.22 11.07
C ARG A 104 0.08 -16.31 11.54
N GLU A 105 0.76 -15.59 10.60
CA GLU A 105 1.92 -14.72 10.88
C GLU A 105 1.81 -13.26 10.38
N GLY A 106 0.87 -12.99 9.49
CA GLY A 106 0.73 -11.69 8.84
C GLY A 106 1.61 -11.71 7.60
N PHE A 107 2.32 -10.63 7.32
CA PHE A 107 3.26 -10.64 6.19
C PHE A 107 4.54 -11.34 6.61
N THR A 108 5.03 -12.18 5.71
CA THR A 108 6.22 -13.00 5.88
C THR A 108 7.12 -12.80 4.66
N VAL A 109 8.37 -13.26 4.76
CA VAL A 109 9.35 -13.19 3.67
C VAL A 109 9.87 -14.60 3.43
N GLU A 110 9.88 -15.00 2.17
CA GLU A 110 10.35 -16.31 1.75
C GLU A 110 11.35 -16.16 0.64
N ALA A 111 12.23 -17.14 0.52
CA ALA A 111 13.25 -17.12 -0.51
C ALA A 111 12.59 -17.51 -1.85
N ASP A 112 12.75 -16.69 -2.88
CA ASP A 112 12.21 -17.00 -4.19
C ASP A 112 13.33 -17.49 -5.18
N GLY A 113 14.42 -17.91 -4.56
CA GLY A 113 15.61 -18.46 -5.19
C GLY A 113 16.50 -19.02 -4.10
N GLN A 114 17.62 -19.65 -4.50
CA GLN A 114 18.57 -20.21 -3.52
C GLN A 114 19.40 -19.09 -2.90
N ILE A 115 19.59 -19.16 -1.57
CA ILE A 115 20.38 -18.22 -0.76
C ILE A 115 21.41 -19.07 0.02
N LYS A 116 22.70 -19.01 -0.36
CA LYS A 116 23.74 -19.80 0.35
C LYS A 116 23.99 -19.23 1.74
N ASP A 117 24.64 -20.02 2.61
CA ASP A 117 25.02 -19.62 3.97
C ASP A 117 25.98 -18.39 3.86
N MET A 118 25.90 -17.41 4.80
CA MET A 118 26.75 -16.20 4.83
C MET A 118 26.38 -15.14 3.77
N THR A 119 25.22 -15.28 3.12
CA THR A 119 24.77 -14.33 2.13
C THR A 119 24.05 -13.18 2.83
N PHE A 120 24.39 -11.92 2.46
CA PHE A 120 23.76 -10.71 2.96
C PHE A 120 22.33 -10.64 2.38
N ILE A 121 21.31 -10.58 3.26
CA ILE A 121 19.89 -10.54 2.87
C ILE A 121 19.42 -9.09 2.72
N ALA A 122 19.58 -8.27 3.77
CA ALA A 122 19.18 -6.85 3.75
C ALA A 122 19.62 -6.13 4.99
N GLU A 123 19.53 -4.81 4.97
CA GLU A 123 19.83 -3.97 6.10
C GLU A 123 18.51 -3.64 6.78
N TYR A 124 18.51 -3.56 8.10
CA TYR A 124 17.30 -3.21 8.80
C TYR A 124 17.17 -1.68 8.71
N THR A 125 16.20 -1.21 7.92
CA THR A 125 16.01 0.22 7.73
C THR A 125 14.71 0.74 8.30
N GLY A 126 14.67 2.04 8.48
CA GLY A 126 13.57 2.83 9.00
C GLY A 126 14.13 4.10 9.63
N ASP A 127 13.28 4.82 10.35
CA ASP A 127 13.59 6.06 11.04
C ASP A 127 14.33 5.75 12.35
N VAL A 128 15.50 6.39 12.58
CA VAL A 128 16.15 6.21 13.87
C VAL A 128 15.62 7.24 14.89
N ASP A 129 15.27 6.77 16.10
CA ASP A 129 14.69 7.55 17.19
C ASP A 129 15.22 7.04 18.51
N TYR A 130 15.13 7.87 19.55
CA TYR A 130 15.57 7.47 20.88
C TYR A 130 14.60 6.46 21.44
N ILE A 131 15.12 5.42 22.10
CA ILE A 131 14.30 4.42 22.76
C ILE A 131 13.33 5.14 23.74
N ARG A 132 13.82 6.19 24.45
CA ARG A 132 13.04 7.03 25.38
C ARG A 132 11.77 7.73 24.77
N ASN A 133 11.77 7.96 23.42
CA ASN A 133 10.66 8.54 22.63
C ASN A 133 9.73 7.43 22.14
N ARG A 134 10.14 6.16 22.32
CA ARG A 134 9.41 4.98 21.82
C ARG A 134 8.98 3.93 22.86
N GLU A 135 9.05 4.26 24.16
CA GLU A 135 8.75 3.34 25.26
C GLU A 135 7.34 2.74 25.30
N HIS A 136 6.36 3.44 24.69
CA HIS A 136 4.96 3.00 24.58
C HIS A 136 4.49 3.01 23.11
N ASP A 137 5.44 2.91 22.14
CA ASP A 137 5.08 2.88 20.72
C ASP A 137 4.52 1.51 20.37
N ASP A 138 3.35 1.51 19.71
CA ASP A 138 2.61 0.32 19.30
C ASP A 138 3.20 -0.42 18.09
N CYS A 139 4.22 0.17 17.41
CA CYS A 139 4.87 -0.48 16.25
C CYS A 139 5.41 -1.85 16.63
N ASP A 140 4.88 -2.89 15.92
CA ASP A 140 5.22 -4.29 16.10
C ASP A 140 6.61 -4.65 15.50
N SER A 141 7.29 -3.66 14.86
CA SER A 141 8.54 -3.91 14.19
C SER A 141 9.73 -3.02 14.60
N MET A 142 9.82 -2.61 15.87
CA MET A 142 10.99 -1.83 16.27
C MET A 142 12.20 -2.73 16.51
N MET A 143 13.40 -2.24 16.18
CA MET A 143 14.68 -2.92 16.27
C MET A 143 15.75 -2.01 16.91
N THR A 144 16.36 -2.50 18.02
CA THR A 144 17.42 -1.80 18.77
C THR A 144 18.57 -1.49 17.85
N LEU A 145 19.00 -0.21 17.85
CA LEU A 145 20.09 0.19 16.99
C LEU A 145 21.36 0.31 17.78
N LEU A 146 21.31 1.10 18.88
CA LEU A 146 22.38 1.45 19.79
C LEU A 146 21.93 1.25 21.24
N LEU A 147 22.71 0.50 22.02
CA LEU A 147 22.45 0.29 23.44
C LEU A 147 23.52 0.97 24.24
N ALA A 148 23.26 2.22 24.64
CA ALA A 148 24.19 3.06 25.37
C ALA A 148 24.12 2.83 26.87
N LYS A 149 25.21 3.20 27.60
CA LYS A 149 25.32 3.13 29.06
C LYS A 149 24.32 4.14 29.68
N ASP A 150 24.16 5.29 28.99
CA ASP A 150 23.21 6.34 29.33
C ASP A 150 21.93 5.97 28.53
N PRO A 151 20.82 5.52 29.21
CA PRO A 151 19.60 5.13 28.48
C PRO A 151 18.90 6.21 27.64
N SER A 152 19.35 7.48 27.74
CA SER A 152 18.79 8.58 26.95
C SER A 152 19.55 8.69 25.63
N SER A 153 20.66 7.93 25.51
CA SER A 153 21.46 7.91 24.29
C SER A 153 21.14 6.68 23.42
N SER A 154 20.33 5.71 23.95
CA SER A 154 19.93 4.49 23.26
C SER A 154 18.98 4.80 22.09
N LEU A 155 19.19 4.12 20.96
CA LEU A 155 18.47 4.35 19.72
C LEU A 155 17.73 3.14 19.24
N VAL A 156 16.63 3.36 18.51
CA VAL A 156 15.78 2.32 17.95
C VAL A 156 15.43 2.59 16.46
N ILE A 157 15.38 1.51 15.64
CA ILE A 157 14.99 1.66 14.23
C ILE A 157 13.49 1.44 14.20
N CYS A 158 12.76 2.43 13.59
CA CYS A 158 11.29 2.44 13.46
C CYS A 158 10.81 2.38 12.00
N PRO A 159 10.42 1.19 11.53
CA PRO A 159 9.89 1.06 10.15
C PRO A 159 8.36 1.18 10.10
N ASP A 160 7.83 2.21 10.73
CA ASP A 160 6.39 2.43 10.75
C ASP A 160 5.96 3.31 9.58
N LYS A 161 6.76 4.31 9.18
CA LYS A 161 6.44 5.23 8.06
C LYS A 161 7.31 5.00 6.81
N ARG A 162 8.59 4.64 7.01
CA ARG A 162 9.61 4.38 5.98
C ARG A 162 10.32 3.09 6.35
N GLY A 163 10.56 2.22 5.38
CA GLY A 163 11.26 0.95 5.64
C GLY A 163 11.37 0.05 4.44
N ASN A 164 11.97 -1.12 4.64
CA ASN A 164 12.22 -2.08 3.57
C ASN A 164 11.72 -3.49 3.88
N ILE A 165 12.29 -4.53 3.22
CA ILE A 165 11.90 -5.93 3.40
C ILE A 165 12.14 -6.50 4.81
N ALA A 166 13.19 -6.03 5.50
CA ALA A 166 13.65 -6.48 6.84
C ALA A 166 12.56 -6.54 7.89
N ARG A 167 11.66 -5.54 7.89
CA ARG A 167 10.55 -5.42 8.83
C ARG A 167 9.46 -6.47 8.67
N PHE A 168 9.44 -7.21 7.53
CA PHE A 168 8.45 -8.27 7.24
C PHE A 168 8.95 -9.68 7.58
N ILE A 169 10.25 -9.79 7.88
CA ILE A 169 10.89 -11.05 8.22
C ILE A 169 10.43 -11.51 9.60
N SER A 170 9.93 -12.76 9.65
CA SER A 170 9.42 -13.49 10.80
C SER A 170 10.53 -13.87 11.79
N GLY A 171 10.08 -14.11 13.00
CA GLY A 171 10.91 -14.55 14.10
C GLY A 171 10.49 -15.92 14.59
N ILE A 172 11.35 -16.54 15.37
CA ILE A 172 11.10 -17.84 15.95
C ILE A 172 10.41 -17.69 17.32
N ASN A 173 9.67 -18.70 17.73
CA ASN A 173 9.07 -18.74 19.06
C ASN A 173 10.25 -19.15 20.00
N ASN A 174 10.57 -18.33 21.00
CA ASN A 174 11.71 -18.61 21.90
C ASN A 174 11.30 -19.50 23.07
N HIS A 175 10.03 -19.97 23.10
CA HIS A 175 9.52 -20.74 24.23
C HIS A 175 9.29 -22.20 23.93
N THR A 176 9.33 -22.56 22.66
CA THR A 176 9.08 -23.95 22.30
C THR A 176 10.41 -24.71 22.17
N LEU A 177 10.35 -26.03 22.36
CA LEU A 177 11.51 -26.89 22.29
C LEU A 177 12.06 -27.02 20.86
N ASP A 178 11.15 -26.99 19.87
CA ASP A 178 11.49 -27.15 18.46
C ASP A 178 11.56 -25.87 17.61
N ALA A 179 11.18 -24.69 18.17
CA ALA A 179 11.17 -23.46 17.38
C ALA A 179 12.49 -22.86 16.94
N LYS A 180 13.59 -23.22 17.61
CA LYS A 180 14.92 -22.74 17.27
C LYS A 180 15.36 -23.29 15.88
N LYS A 181 14.77 -24.44 15.47
CA LYS A 181 15.03 -25.19 14.23
C LYS A 181 14.59 -24.46 12.97
N LYS A 182 13.66 -23.53 13.10
CA LYS A 182 13.09 -22.70 12.04
C LYS A 182 14.03 -21.56 11.64
N GLN A 183 14.98 -21.18 12.53
CA GLN A 183 15.97 -20.11 12.30
C GLN A 183 16.99 -20.50 11.22
N ASN A 184 16.99 -19.73 10.14
CA ASN A 184 17.87 -19.92 8.99
C ASN A 184 18.66 -18.65 8.67
N CYS A 185 18.38 -17.56 9.40
CA CYS A 185 19.10 -16.30 9.23
C CYS A 185 19.35 -15.58 10.55
N LYS A 186 20.27 -14.60 10.54
CA LYS A 186 20.68 -13.90 11.76
C LYS A 186 20.84 -12.42 11.56
N CYS A 187 20.43 -11.69 12.61
CA CYS A 187 20.48 -10.26 12.71
C CYS A 187 21.66 -9.86 13.59
N VAL A 188 22.59 -9.14 13.00
CA VAL A 188 23.81 -8.70 13.69
C VAL A 188 23.89 -7.20 13.62
N ARG A 189 24.70 -6.60 14.48
CA ARG A 189 24.97 -5.16 14.45
C ARG A 189 26.46 -4.95 14.21
N TYR A 190 26.81 -4.13 13.20
CA TYR A 190 28.20 -3.81 12.88
C TYR A 190 28.44 -2.31 12.80
N SER A 191 29.70 -1.91 13.14
CA SER A 191 30.13 -0.52 13.01
C SER A 191 30.61 -0.25 11.57
N VAL A 192 29.98 0.75 10.89
CA VAL A 192 30.30 1.17 9.51
C VAL A 192 30.51 2.67 9.55
N ASN A 193 31.76 3.10 9.33
CA ASN A 193 32.22 4.49 9.34
C ASN A 193 31.84 5.20 10.66
N GLY A 194 31.99 4.44 11.76
CA GLY A 194 31.69 4.86 13.12
C GLY A 194 30.24 4.84 13.54
N GLU A 195 29.32 4.39 12.66
CA GLU A 195 27.90 4.36 12.97
C GLU A 195 27.39 2.96 13.17
N CYS A 196 26.25 2.80 13.91
CA CYS A 196 25.60 1.50 14.12
C CYS A 196 24.76 1.17 12.88
N ARG A 197 24.84 -0.07 12.44
CA ARG A 197 24.09 -0.59 11.28
C ARG A 197 23.58 -1.98 11.65
N VAL A 198 22.39 -2.34 11.18
CA VAL A 198 21.76 -3.61 11.51
C VAL A 198 21.56 -4.45 10.24
N PHE A 199 22.17 -5.63 10.16
CA PHE A 199 22.10 -6.45 8.94
C PHE A 199 21.51 -7.82 9.10
N LEU A 200 20.98 -8.39 8.00
CA LEU A 200 20.46 -9.78 7.98
C LEU A 200 21.31 -10.65 7.09
N VAL A 201 21.71 -11.82 7.61
CA VAL A 201 22.59 -12.75 6.91
C VAL A 201 22.05 -14.19 7.03
N ALA A 202 22.09 -14.96 5.91
CA ALA A 202 21.67 -16.37 5.93
C ALA A 202 22.67 -17.16 6.76
N THR A 203 22.17 -17.95 7.73
CA THR A 203 23.01 -18.76 8.61
C THR A 203 23.16 -20.19 8.15
N ARG A 204 22.44 -20.52 7.08
CA ARG A 204 22.42 -21.80 6.38
C ARG A 204 21.84 -21.60 4.97
N ASP A 205 22.06 -22.59 4.10
CA ASP A 205 21.62 -22.61 2.71
C ASP A 205 20.12 -22.74 2.76
N ILE A 206 19.46 -21.71 2.23
CA ILE A 206 18.01 -21.59 2.17
C ILE A 206 17.59 -21.91 0.74
N ALA A 207 16.60 -22.79 0.59
CA ALA A 207 16.03 -23.17 -0.70
C ALA A 207 14.86 -22.24 -1.07
N LYS A 208 14.49 -22.23 -2.38
CA LYS A 208 13.37 -21.50 -2.94
C LYS A 208 12.08 -21.92 -2.21
N GLY A 209 11.33 -20.93 -1.75
CA GLY A 209 10.07 -21.15 -1.04
C GLY A 209 10.22 -21.23 0.46
N GLU A 210 11.43 -21.44 0.96
CA GLU A 210 11.67 -21.52 2.41
C GLU A 210 11.46 -20.16 3.06
N ARG A 211 10.70 -20.12 4.14
CA ARG A 211 10.39 -18.94 4.92
C ARG A 211 11.60 -18.54 5.76
N LEU A 212 11.93 -17.25 5.74
CA LEU A 212 13.05 -16.66 6.49
C LEU A 212 12.61 -16.41 7.93
N TYR A 213 13.44 -16.85 8.89
CA TYR A 213 13.18 -16.67 10.33
C TYR A 213 14.46 -16.40 11.01
N TYR A 214 14.48 -15.44 11.92
CA TYR A 214 15.65 -15.13 12.73
C TYR A 214 15.24 -14.94 14.16
N ASP A 215 16.21 -14.85 15.07
CA ASP A 215 15.85 -14.67 16.48
C ASP A 215 15.60 -13.18 16.76
N TYR A 216 14.36 -12.79 17.09
CA TYR A 216 14.02 -11.38 17.40
C TYR A 216 14.67 -10.97 18.77
N ASN A 217 15.00 -11.94 19.62
CA ASN A 217 15.55 -11.71 20.93
C ASN A 217 16.99 -12.21 20.96
N GLY A 218 17.81 -11.72 20.05
CA GLY A 218 19.17 -12.14 19.91
C GLY A 218 20.21 -11.47 20.75
N TYR A 219 19.81 -10.46 21.48
CA TYR A 219 20.67 -9.80 22.41
C TYR A 219 19.87 -9.53 23.65
N GLU A 220 18.85 -8.71 23.55
CA GLU A 220 17.95 -8.49 24.63
C GLU A 220 16.73 -9.39 24.54
N HIS A 221 15.80 -9.29 25.48
CA HIS A 221 14.62 -10.13 25.42
C HIS A 221 13.38 -9.23 25.53
N GLU A 222 13.31 -8.24 24.62
CA GLU A 222 12.27 -7.19 24.58
C GLU A 222 11.11 -7.47 23.64
N TYR A 223 11.12 -8.64 22.98
CA TYR A 223 10.04 -9.00 22.07
C TYR A 223 9.26 -10.22 22.56
N PRO A 224 7.95 -10.09 22.95
CA PRO A 224 7.15 -11.28 23.35
C PRO A 224 6.89 -12.27 22.19
N THR A 225 7.41 -13.53 22.30
CA THR A 225 7.28 -14.55 21.25
C THR A 225 6.50 -15.84 21.65
N GLN A 226 5.96 -15.89 22.89
CA GLN A 226 5.21 -17.03 23.44
C GLN A 226 4.20 -17.63 22.47
N HIS A 227 3.48 -16.77 21.75
CA HIS A 227 2.40 -17.07 20.79
C HIS A 227 2.83 -17.29 19.31
N PHE A 228 4.10 -17.13 18.99
CA PHE A 228 4.59 -17.31 17.62
C PHE A 228 4.40 -18.77 17.12
N VAL A 229 4.09 -18.93 15.84
CA VAL A 229 3.86 -20.20 15.17
C VAL A 229 5.14 -20.87 14.60
N ARG B 15 -11.96 -5.28 4.11
CA ARG B 15 -13.40 -5.01 4.26
C ARG B 15 -13.69 -3.54 4.04
N LEU B 16 -14.73 -3.25 3.22
CA LEU B 16 -15.23 -1.90 2.93
C LEU B 16 -15.63 -1.24 4.23
N LEU B 17 -15.25 0.03 4.40
CA LEU B 17 -15.63 0.82 5.58
C LEU B 17 -16.63 1.90 5.17
N PRO B 18 -17.61 2.22 6.03
CA PRO B 18 -18.55 3.28 5.66
C PRO B 18 -17.88 4.63 5.90
N PHE B 19 -18.19 5.61 5.07
CA PHE B 19 -17.62 6.94 5.24
C PHE B 19 -18.24 7.62 6.44
N VAL B 20 -17.53 8.62 6.96
CA VAL B 20 -17.96 9.44 8.09
C VAL B 20 -18.27 10.79 7.48
N SER B 21 -19.55 11.19 7.52
CA SER B 21 -19.99 12.47 7.01
C SER B 21 -19.63 13.56 8.02
N SER B 22 -19.40 14.79 7.53
CA SER B 22 -19.07 15.95 8.36
C SER B 22 -20.19 16.15 9.38
N GLU B 23 -19.77 16.41 10.62
CA GLU B 23 -20.66 16.58 11.75
C GLU B 23 -21.50 17.87 11.70
N ASP B 24 -20.91 18.96 11.22
CA ASP B 24 -21.63 20.23 11.08
C ASP B 24 -22.62 20.16 9.87
N PRO B 25 -23.96 20.33 10.10
CA PRO B 25 -24.91 20.31 8.95
C PRO B 25 -24.62 21.35 7.86
N ALA B 26 -24.13 22.54 8.26
CA ALA B 26 -23.76 23.65 7.36
C ALA B 26 -22.59 23.24 6.43
N GLN B 27 -21.69 22.37 6.94
CA GLN B 27 -20.51 21.86 6.25
C GLN B 27 -20.94 20.86 5.15
N ARG B 28 -21.95 20.03 5.45
CA ARG B 28 -22.59 19.08 4.53
C ARG B 28 -23.35 19.84 3.41
N LEU B 29 -24.08 20.92 3.75
CA LEU B 29 -24.80 21.78 2.81
C LEU B 29 -23.84 22.40 1.79
N LYS B 30 -22.71 22.97 2.28
CA LYS B 30 -21.65 23.53 1.47
C LYS B 30 -21.06 22.46 0.50
N GLN B 31 -20.82 21.21 0.99
CA GLN B 31 -20.32 20.06 0.21
C GLN B 31 -21.30 19.73 -0.95
N MET B 32 -22.59 19.56 -0.62
CA MET B 32 -23.69 19.33 -1.57
C MET B 32 -23.83 20.50 -2.55
N GLY B 33 -23.63 21.73 -2.04
CA GLY B 33 -23.63 22.99 -2.77
C GLY B 33 -22.60 23.05 -3.90
N THR B 34 -21.34 22.60 -3.64
CA THR B 34 -20.24 22.52 -4.61
C THR B 34 -20.52 21.49 -5.72
N LEU B 35 -21.18 20.38 -5.36
CA LEU B 35 -21.58 19.34 -6.32
C LEU B 35 -22.71 19.86 -7.25
N ALA B 36 -23.75 20.49 -6.69
CA ALA B 36 -24.89 21.05 -7.40
C ALA B 36 -24.46 22.16 -8.39
N SER B 37 -23.53 23.04 -7.98
CA SER B 37 -22.88 24.13 -8.74
C SER B 37 -22.21 23.56 -10.01
N ALA B 38 -21.29 22.59 -9.82
CA ALA B 38 -20.54 21.83 -10.85
C ALA B 38 -21.47 21.02 -11.78
N LEU B 39 -22.56 20.41 -11.23
CA LEU B 39 -23.56 19.65 -12.01
C LEU B 39 -24.32 20.63 -12.92
N THR B 40 -24.69 21.81 -12.41
CA THR B 40 -25.39 22.87 -13.17
C THR B 40 -24.55 23.35 -14.38
N GLU B 41 -23.23 23.57 -14.16
CA GLU B 41 -22.25 24.01 -15.17
C GLU B 41 -22.14 23.03 -16.33
N LEU B 42 -22.36 21.73 -16.06
CA LEU B 42 -22.29 20.65 -17.04
C LEU B 42 -23.65 20.23 -17.58
N GLN B 43 -24.74 21.00 -17.22
CA GLN B 43 -26.14 20.74 -17.62
C GLN B 43 -26.60 19.35 -17.15
N MET B 44 -26.08 18.97 -15.99
CA MET B 44 -26.29 17.69 -15.34
C MET B 44 -27.25 17.74 -14.17
N GLU B 45 -27.98 16.65 -14.00
CA GLU B 45 -28.90 16.42 -12.90
C GLU B 45 -28.18 15.49 -11.89
N PHE B 46 -28.52 15.57 -10.61
CA PHE B 46 -27.95 14.65 -9.63
C PHE B 46 -28.63 13.29 -9.73
N SER B 47 -27.83 12.22 -9.77
CA SER B 47 -28.32 10.86 -9.80
C SER B 47 -27.29 9.98 -9.08
N ASP B 48 -27.63 9.41 -7.92
CA ASP B 48 -26.70 8.57 -7.17
C ASP B 48 -26.92 7.10 -7.47
N ASP B 49 -27.51 6.83 -8.64
CA ASP B 49 -27.80 5.48 -9.12
C ASP B 49 -27.53 5.33 -10.59
N LEU B 50 -27.27 4.09 -11.00
CA LEU B 50 -27.18 3.71 -12.40
C LEU B 50 -28.62 3.78 -12.90
N THR B 51 -28.81 4.44 -14.05
CA THR B 51 -30.14 4.61 -14.66
C THR B 51 -30.18 3.88 -15.98
N TYR B 52 -31.32 3.23 -16.23
CA TYR B 52 -31.52 2.43 -17.43
C TYR B 52 -32.81 2.84 -18.15
N SER B 53 -32.86 2.52 -19.43
CA SER B 53 -34.01 2.70 -20.31
C SER B 53 -33.89 1.68 -21.42
N SER B 54 -35.03 1.32 -22.01
CA SER B 54 -35.08 0.40 -23.14
C SER B 54 -34.49 1.10 -24.38
N GLY B 55 -34.39 2.43 -24.29
CA GLY B 55 -33.84 3.32 -25.31
C GLY B 55 -32.34 3.33 -25.43
N MET B 56 -31.63 2.97 -24.34
CA MET B 56 -30.17 2.82 -24.28
C MET B 56 -30.32 1.39 -23.69
N ALA B 57 -29.33 0.92 -22.92
CA ALA B 57 -29.35 -0.39 -22.23
C ALA B 57 -30.39 -0.78 -21.14
N PRO B 58 -31.15 -1.89 -21.29
CA PRO B 58 -32.05 -2.29 -20.20
C PRO B 58 -31.26 -2.85 -19.00
N ARG B 59 -31.87 -2.84 -17.78
CA ARG B 59 -31.25 -3.36 -16.55
C ARG B 59 -30.76 -4.80 -16.73
N SER B 60 -31.53 -5.57 -17.51
CA SER B 60 -31.36 -6.97 -17.91
C SER B 60 -30.06 -7.26 -18.66
N ALA B 61 -29.52 -6.27 -19.41
CA ALA B 61 -28.26 -6.40 -20.16
C ALA B 61 -27.05 -6.40 -19.22
N ASN B 62 -27.21 -5.80 -17.99
CA ASN B 62 -26.16 -5.71 -16.98
C ASN B 62 -26.08 -6.98 -16.15
N GLN B 63 -25.25 -7.92 -16.61
CA GLN B 63 -25.06 -9.19 -15.93
C GLN B 63 -23.61 -9.53 -15.89
N ALA B 64 -23.07 -9.65 -14.66
CA ALA B 64 -21.67 -9.99 -14.36
C ALA B 64 -21.16 -11.27 -15.05
N ARG B 65 -22.07 -12.27 -15.32
CA ARG B 65 -21.80 -13.54 -16.04
C ARG B 65 -21.08 -13.26 -17.35
N PHE B 66 -21.39 -12.08 -17.95
CA PHE B 66 -20.91 -11.68 -19.26
C PHE B 66 -19.50 -11.13 -19.23
N GLU B 67 -18.96 -10.76 -18.06
CA GLU B 67 -17.59 -10.26 -17.95
C GLU B 67 -16.60 -11.33 -18.40
N GLU B 68 -15.74 -11.00 -19.39
CA GLU B 68 -14.72 -11.92 -19.91
C GLU B 68 -13.70 -12.33 -18.81
N GLY B 69 -13.80 -13.57 -18.37
CA GLY B 69 -12.94 -14.11 -17.32
C GLY B 69 -13.46 -13.90 -15.92
N GLY B 70 -14.72 -13.47 -15.83
CA GLY B 70 -15.43 -13.26 -14.58
C GLY B 70 -15.24 -11.97 -13.82
N MET B 71 -16.06 -11.80 -12.78
CA MET B 71 -16.09 -10.62 -11.93
C MET B 71 -16.25 -11.01 -10.48
N GLN B 72 -15.35 -10.46 -9.63
CA GLN B 72 -15.31 -10.65 -8.18
C GLN B 72 -16.67 -10.32 -7.59
N VAL B 73 -17.11 -11.12 -6.65
CA VAL B 73 -18.41 -10.97 -6.01
C VAL B 73 -18.29 -10.18 -4.70
N LEU B 74 -19.14 -9.13 -4.52
CA LEU B 74 -19.16 -8.32 -3.31
C LEU B 74 -19.80 -9.15 -2.20
N THR B 75 -19.10 -9.27 -1.06
CA THR B 75 -19.61 -10.08 0.04
C THR B 75 -20.77 -9.41 0.72
N LYS B 76 -21.61 -10.22 1.37
CA LYS B 76 -22.79 -9.83 2.13
C LYS B 76 -22.48 -8.67 3.08
N GLU B 77 -21.34 -8.72 3.79
CA GLU B 77 -20.86 -7.69 4.71
C GLU B 77 -20.62 -6.37 3.96
N ASP B 78 -19.92 -6.43 2.81
CA ASP B 78 -19.64 -5.23 2.01
C ASP B 78 -20.91 -4.68 1.36
N ILE B 79 -21.90 -5.55 1.04
CA ILE B 79 -23.16 -5.07 0.47
C ILE B 79 -24.02 -4.33 1.51
N GLU B 80 -23.91 -4.73 2.79
CA GLU B 80 -24.56 -4.08 3.93
C GLU B 80 -23.91 -2.68 4.18
N THR B 81 -22.56 -2.59 4.04
CA THR B 81 -21.79 -1.34 4.14
C THR B 81 -22.19 -0.39 3.00
N LEU B 82 -22.21 -0.89 1.75
CA LEU B 82 -22.65 -0.22 0.54
C LEU B 82 -24.10 0.31 0.76
N GLU B 83 -25.04 -0.54 1.29
CA GLU B 83 -26.42 -0.13 1.61
C GLU B 83 -26.50 0.98 2.71
N GLN B 84 -25.65 0.91 3.76
CA GLN B 84 -25.53 1.93 4.83
C GLN B 84 -25.12 3.28 4.22
N CYS B 85 -24.11 3.25 3.33
CA CYS B 85 -23.57 4.40 2.60
C CYS B 85 -24.56 5.07 1.70
N ARG B 86 -25.37 4.24 1.00
CA ARG B 86 -26.40 4.69 0.06
C ARG B 86 -27.55 5.34 0.82
N ALA B 87 -27.86 4.80 2.01
CA ALA B 87 -28.93 5.31 2.88
C ALA B 87 -28.52 6.64 3.50
N MET B 88 -27.22 6.79 3.80
CA MET B 88 -26.66 8.02 4.33
C MET B 88 -26.84 9.15 3.32
N CYS B 89 -26.51 8.92 2.03
CA CYS B 89 -26.69 9.96 1.01
C CYS B 89 -28.15 10.39 0.84
N LYS B 90 -29.10 9.43 0.89
CA LYS B 90 -30.54 9.73 0.74
C LYS B 90 -31.00 10.75 1.80
N ARG B 91 -30.54 10.52 3.04
CA ARG B 91 -30.73 11.26 4.28
C ARG B 91 -30.13 12.69 4.29
N GLY B 92 -29.08 12.92 3.50
CA GLY B 92 -28.32 14.17 3.47
C GLY B 92 -26.91 14.01 3.99
N ASP B 93 -26.56 12.79 4.44
CA ASP B 93 -25.23 12.43 4.94
C ASP B 93 -24.29 12.01 3.84
N CYS B 94 -23.91 12.98 3.03
CA CYS B 94 -23.02 12.81 1.89
C CYS B 94 -21.61 12.51 2.39
N PRO B 95 -20.74 11.87 1.56
CA PRO B 95 -19.34 11.67 1.98
C PRO B 95 -18.63 13.02 2.20
N PRO B 96 -17.52 13.09 2.98
CA PRO B 96 -16.88 14.41 3.24
C PRO B 96 -15.98 14.86 2.07
N LEU B 97 -16.64 15.28 0.98
CA LEU B 97 -16.01 15.66 -0.26
C LEU B 97 -16.52 17.00 -0.78
N LEU B 98 -15.59 17.75 -1.42
CA LEU B 98 -15.77 19.08 -1.99
C LEU B 98 -15.39 19.13 -3.46
N VAL B 99 -16.32 19.60 -4.32
CA VAL B 99 -16.02 19.78 -5.74
C VAL B 99 -15.37 21.15 -5.84
N VAL B 100 -14.15 21.19 -6.40
CA VAL B 100 -13.34 22.40 -6.51
C VAL B 100 -12.84 22.58 -7.94
N PHE B 101 -12.86 23.82 -8.46
CA PHE B 101 -12.34 24.10 -9.79
C PHE B 101 -10.84 24.33 -9.71
N ASP B 102 -10.07 23.70 -10.60
CA ASP B 102 -8.62 23.85 -10.68
C ASP B 102 -8.25 24.24 -12.10
N SER B 103 -7.46 25.33 -12.24
CA SER B 103 -6.96 25.91 -13.50
C SER B 103 -6.38 24.88 -14.48
N ARG B 104 -5.62 23.91 -13.95
CA ARG B 104 -4.97 22.85 -14.72
C ARG B 104 -5.84 21.63 -14.99
N GLU B 105 -6.67 21.22 -14.00
CA GLU B 105 -7.49 20.00 -14.08
C GLU B 105 -8.97 20.12 -14.38
N GLY B 106 -9.51 21.32 -14.28
CA GLY B 106 -10.95 21.56 -14.40
C GLY B 106 -11.56 21.24 -13.04
N PHE B 107 -12.77 20.64 -13.02
CA PHE B 107 -13.35 20.25 -11.73
C PHE B 107 -12.56 19.12 -11.12
N THR B 108 -12.36 19.19 -9.82
CA THR B 108 -11.59 18.20 -9.04
C THR B 108 -12.36 17.96 -7.75
N VAL B 109 -12.02 16.88 -7.04
CA VAL B 109 -12.67 16.50 -5.81
C VAL B 109 -11.58 16.32 -4.73
N GLU B 110 -11.77 17.01 -3.63
CA GLU B 110 -10.93 16.92 -2.46
C GLU B 110 -11.73 16.50 -1.23
N ALA B 111 -11.03 15.83 -0.32
CA ALA B 111 -11.55 15.42 0.96
C ALA B 111 -11.76 16.68 1.80
N ASP B 112 -12.96 16.86 2.32
CA ASP B 112 -13.28 17.98 3.20
C ASP B 112 -13.35 17.46 4.67
N GLY B 113 -12.72 16.32 4.91
CA GLY B 113 -12.69 15.72 6.22
C GLY B 113 -11.93 14.44 5.96
N GLN B 114 -11.83 13.58 6.97
CA GLN B 114 -10.81 12.57 7.20
C GLN B 114 -11.25 11.22 6.64
N ILE B 115 -10.64 10.82 5.53
CA ILE B 115 -10.96 9.55 4.89
C ILE B 115 -10.00 8.45 5.32
N LYS B 116 -10.55 7.33 5.77
CA LYS B 116 -9.73 6.21 6.22
C LYS B 116 -9.54 5.18 5.10
N ASP B 117 -8.36 4.55 5.08
CA ASP B 117 -8.05 3.55 4.08
C ASP B 117 -9.17 2.50 4.10
N MET B 118 -9.67 2.07 2.91
CA MET B 118 -10.74 1.06 2.73
C MET B 118 -12.15 1.65 2.86
N THR B 119 -12.25 2.98 2.93
CA THR B 119 -13.55 3.65 2.99
C THR B 119 -14.22 3.67 1.58
N PHE B 120 -15.53 3.39 1.54
CA PHE B 120 -16.36 3.49 0.33
C PHE B 120 -16.53 4.98 0.08
N ILE B 121 -16.08 5.48 -1.08
CA ILE B 121 -16.13 6.89 -1.41
C ILE B 121 -17.43 7.21 -2.12
N ALA B 122 -17.63 6.58 -3.29
CA ALA B 122 -18.82 6.70 -4.12
C ALA B 122 -18.87 5.61 -5.17
N GLU B 123 -20.03 5.47 -5.77
CA GLU B 123 -20.29 4.57 -6.87
C GLU B 123 -20.25 5.43 -8.12
N TYR B 124 -19.66 4.90 -9.21
CA TYR B 124 -19.63 5.62 -10.48
C TYR B 124 -21.03 5.44 -11.09
N THR B 125 -21.81 6.55 -11.12
CA THR B 125 -23.21 6.56 -11.60
C THR B 125 -23.42 7.43 -12.86
N GLY B 126 -24.49 7.13 -13.58
CA GLY B 126 -24.89 7.77 -14.83
C GLY B 126 -25.75 6.80 -15.59
N ASP B 127 -26.23 7.20 -16.78
CA ASP B 127 -27.05 6.38 -17.66
C ASP B 127 -26.22 5.24 -18.18
N VAL B 128 -26.73 4.01 -18.16
CA VAL B 128 -25.96 2.92 -18.73
C VAL B 128 -26.35 2.64 -20.18
N ASP B 129 -25.35 2.50 -21.04
CA ASP B 129 -25.52 2.32 -22.48
C ASP B 129 -24.52 1.31 -23.02
N TYR B 130 -24.78 0.81 -24.23
CA TYR B 130 -23.91 -0.11 -24.95
C TYR B 130 -22.73 0.70 -25.46
N ILE B 131 -21.50 0.16 -25.33
CA ILE B 131 -20.25 0.79 -25.81
C ILE B 131 -20.32 1.17 -27.31
N ARG B 132 -20.91 0.29 -28.15
CA ARG B 132 -21.08 0.46 -29.59
C ARG B 132 -22.05 1.61 -29.94
N ASN B 133 -22.91 2.01 -28.98
CA ASN B 133 -23.85 3.13 -29.03
C ASN B 133 -23.13 4.46 -28.65
N ARG B 134 -21.92 4.37 -28.06
CA ARG B 134 -21.16 5.54 -27.62
C ARG B 134 -19.80 5.65 -28.32
N GLU B 135 -19.54 4.76 -29.31
CA GLU B 135 -18.28 4.70 -30.06
C GLU B 135 -17.76 6.07 -30.50
N HIS B 136 -18.69 7.02 -30.82
CA HIS B 136 -18.40 8.40 -31.24
C HIS B 136 -18.90 9.49 -30.24
N ASP B 137 -18.68 9.27 -28.91
CA ASP B 137 -19.12 10.20 -27.87
C ASP B 137 -17.97 11.04 -27.33
N ASP B 138 -18.20 12.38 -27.27
CA ASP B 138 -17.29 13.43 -26.81
C ASP B 138 -17.05 13.41 -25.30
N CYS B 139 -17.98 12.79 -24.52
CA CYS B 139 -17.93 12.68 -23.05
C CYS B 139 -16.54 12.25 -22.54
N ASP B 140 -15.93 13.13 -21.71
CA ASP B 140 -14.61 12.94 -21.10
C ASP B 140 -14.66 12.10 -19.82
N SER B 141 -15.86 11.59 -19.46
CA SER B 141 -16.10 10.85 -18.22
C SER B 141 -16.88 9.51 -18.38
N MET B 142 -16.68 8.82 -19.50
CA MET B 142 -17.31 7.51 -19.71
C MET B 142 -16.56 6.45 -18.90
N MET B 143 -17.30 5.54 -18.23
CA MET B 143 -16.70 4.50 -17.41
C MET B 143 -17.26 3.13 -17.76
N THR B 144 -16.35 2.20 -18.13
CA THR B 144 -16.65 0.83 -18.48
C THR B 144 -17.42 0.17 -17.34
N LEU B 145 -18.52 -0.48 -17.70
CA LEU B 145 -19.37 -1.11 -16.73
C LEU B 145 -19.17 -2.62 -16.77
N LEU B 146 -19.31 -3.19 -18.00
CA LEU B 146 -19.23 -4.60 -18.31
C LEU B 146 -18.41 -4.71 -19.61
N LEU B 147 -17.47 -5.65 -19.63
CA LEU B 147 -16.58 -5.92 -20.76
C LEU B 147 -16.71 -7.38 -21.13
N ALA B 148 -17.64 -7.66 -22.04
CA ALA B 148 -17.97 -9.01 -22.50
C ALA B 148 -17.14 -9.45 -23.70
N LYS B 149 -17.10 -10.77 -23.99
CA LYS B 149 -16.46 -11.33 -25.19
C LYS B 149 -17.19 -10.76 -26.43
N ASP B 150 -18.54 -10.72 -26.37
CA ASP B 150 -19.39 -10.14 -27.42
C ASP B 150 -19.34 -8.61 -27.24
N PRO B 151 -18.75 -7.88 -28.22
CA PRO B 151 -18.62 -6.41 -28.08
C PRO B 151 -19.94 -5.64 -28.13
N SER B 152 -21.02 -6.27 -28.64
CA SER B 152 -22.34 -5.63 -28.70
C SER B 152 -23.15 -5.96 -27.43
N SER B 153 -22.44 -6.43 -26.40
CA SER B 153 -22.98 -6.74 -25.08
C SER B 153 -22.28 -5.86 -24.03
N SER B 154 -21.10 -5.28 -24.40
CA SER B 154 -20.30 -4.44 -23.51
C SER B 154 -21.01 -3.14 -23.16
N LEU B 155 -20.96 -2.78 -21.87
CA LEU B 155 -21.64 -1.62 -21.31
C LEU B 155 -20.69 -0.57 -20.80
N VAL B 156 -21.18 0.69 -20.78
CA VAL B 156 -20.50 1.88 -20.32
C VAL B 156 -21.46 2.77 -19.49
N ILE B 157 -20.94 3.49 -18.51
CA ILE B 157 -21.68 4.46 -17.69
C ILE B 157 -21.33 5.81 -18.27
N CYS B 158 -22.37 6.61 -18.61
CA CYS B 158 -22.21 7.93 -19.21
C CYS B 158 -22.85 9.03 -18.37
N PRO B 159 -22.07 9.76 -17.58
CA PRO B 159 -22.65 10.83 -16.77
C PRO B 159 -22.71 12.19 -17.48
N ASP B 160 -23.11 12.19 -18.76
CA ASP B 160 -23.20 13.39 -19.58
C ASP B 160 -24.48 14.20 -19.31
N LYS B 161 -25.58 13.52 -18.88
CA LYS B 161 -26.89 14.12 -18.57
C LYS B 161 -27.18 14.12 -17.08
N ARG B 162 -26.70 13.09 -16.39
CA ARG B 162 -26.97 12.91 -14.96
C ARG B 162 -25.87 12.06 -14.35
N GLY B 163 -25.50 12.39 -13.12
CA GLY B 163 -24.48 11.67 -12.40
C GLY B 163 -24.25 12.20 -10.99
N ASN B 164 -23.07 11.86 -10.44
CA ASN B 164 -22.68 12.22 -9.08
C ASN B 164 -21.24 12.77 -8.97
N ILE B 165 -20.65 12.76 -7.76
CA ILE B 165 -19.30 13.25 -7.53
C ILE B 165 -18.20 12.44 -8.26
N ALA B 166 -18.44 11.13 -8.47
CA ALA B 166 -17.50 10.18 -9.06
C ALA B 166 -16.89 10.62 -10.37
N ARG B 167 -17.69 11.31 -11.22
CA ARG B 167 -17.30 11.83 -12.52
C ARG B 167 -16.36 13.01 -12.43
N PHE B 168 -16.34 13.72 -11.30
CA PHE B 168 -15.45 14.89 -11.10
C PHE B 168 -14.13 14.51 -10.45
N ILE B 169 -13.96 13.24 -10.03
CA ILE B 169 -12.70 12.78 -9.45
C ILE B 169 -11.63 12.70 -10.56
N SER B 170 -10.44 13.26 -10.25
CA SER B 170 -9.26 13.35 -11.12
C SER B 170 -8.55 12.03 -11.19
N GLY B 171 -7.77 11.88 -12.25
CA GLY B 171 -6.95 10.71 -12.51
C GLY B 171 -5.48 11.07 -12.49
N ILE B 172 -4.61 10.04 -12.46
CA ILE B 172 -3.14 10.18 -12.45
C ILE B 172 -2.63 10.17 -13.91
N ASN B 173 -1.40 10.67 -14.11
CA ASN B 173 -0.71 10.62 -15.40
C ASN B 173 0.00 9.26 -15.35
N ASN B 174 -0.36 8.37 -16.29
CA ASN B 174 0.16 7.00 -16.41
C ASN B 174 1.49 6.89 -17.16
N HIS B 175 2.03 8.02 -17.63
CA HIS B 175 3.26 8.07 -18.41
C HIS B 175 4.47 8.52 -17.58
N THR B 176 4.22 9.26 -16.48
CA THR B 176 5.28 9.78 -15.61
C THR B 176 5.78 8.76 -14.60
N LEU B 177 7.11 8.73 -14.40
CA LEU B 177 7.85 7.85 -13.49
C LEU B 177 7.30 7.79 -12.04
N ASP B 178 6.47 8.78 -11.63
CA ASP B 178 5.89 8.85 -10.29
C ASP B 178 4.47 9.45 -10.23
N ALA B 179 3.70 9.24 -11.31
CA ALA B 179 2.30 9.66 -11.39
C ALA B 179 1.43 8.89 -10.41
N LYS B 180 1.83 7.63 -10.13
CA LYS B 180 1.21 6.69 -9.19
C LYS B 180 1.26 7.16 -7.75
N LYS B 181 2.23 8.04 -7.43
CA LYS B 181 2.44 8.57 -6.08
C LYS B 181 1.31 9.46 -5.58
N LYS B 182 0.53 10.07 -6.51
CA LYS B 182 -0.61 10.94 -6.20
C LYS B 182 -1.87 10.15 -5.86
N GLN B 183 -1.98 8.90 -6.35
CA GLN B 183 -3.11 8.00 -6.17
C GLN B 183 -3.41 7.70 -4.69
N ASN B 184 -4.67 7.95 -4.29
CA ASN B 184 -5.20 7.76 -2.93
C ASN B 184 -6.53 7.00 -2.90
N CYS B 185 -7.09 6.70 -4.09
CA CYS B 185 -8.30 5.92 -4.20
C CYS B 185 -8.23 4.98 -5.39
N LYS B 186 -9.08 3.96 -5.42
CA LYS B 186 -9.08 2.94 -6.48
C LYS B 186 -10.48 2.63 -6.93
N CYS B 187 -10.67 2.56 -8.25
CA CYS B 187 -11.90 2.17 -8.87
C CYS B 187 -11.89 0.65 -9.09
N VAL B 188 -12.87 0.00 -8.46
CA VAL B 188 -13.05 -1.45 -8.49
C VAL B 188 -14.39 -1.75 -9.09
N ARG B 189 -14.53 -2.93 -9.73
CA ARG B 189 -15.78 -3.42 -10.29
C ARG B 189 -16.18 -4.71 -9.58
N TYR B 190 -17.38 -4.75 -8.96
CA TYR B 190 -17.88 -5.91 -8.23
C TYR B 190 -19.27 -6.36 -8.72
N SER B 191 -19.51 -7.66 -8.62
CA SER B 191 -20.80 -8.22 -8.95
C SER B 191 -21.67 -8.05 -7.70
N VAL B 192 -22.77 -7.29 -7.82
CA VAL B 192 -23.71 -7.03 -6.72
C VAL B 192 -25.08 -7.55 -7.13
N ASN B 193 -25.43 -8.74 -6.62
CA ASN B 193 -26.68 -9.45 -6.90
C ASN B 193 -26.86 -9.76 -8.40
N GLY B 194 -25.75 -10.17 -9.01
CA GLY B 194 -25.67 -10.56 -10.42
C GLY B 194 -25.39 -9.44 -11.40
N GLU B 195 -25.26 -8.19 -10.93
CA GLU B 195 -25.03 -7.03 -11.78
C GLU B 195 -23.68 -6.38 -11.54
N CYS B 196 -23.08 -5.75 -12.60
CA CYS B 196 -21.81 -5.01 -12.49
C CYS B 196 -22.05 -3.67 -11.79
N ARG B 197 -21.18 -3.32 -10.84
CA ARG B 197 -21.21 -2.06 -10.09
C ARG B 197 -19.78 -1.51 -10.01
N VAL B 198 -19.61 -0.20 -10.18
CA VAL B 198 -18.28 0.45 -10.18
C VAL B 198 -18.16 1.33 -8.92
N PHE B 199 -17.14 1.06 -8.08
CA PHE B 199 -16.96 1.80 -6.81
C PHE B 199 -15.60 2.44 -6.62
N LEU B 200 -15.58 3.59 -5.90
CA LEU B 200 -14.37 4.33 -5.51
C LEU B 200 -14.11 4.00 -4.05
N VAL B 201 -12.89 3.55 -3.75
CA VAL B 201 -12.46 3.13 -2.41
C VAL B 201 -11.11 3.75 -2.10
N ALA B 202 -10.96 4.32 -0.87
CA ALA B 202 -9.70 4.92 -0.40
C ALA B 202 -8.63 3.83 -0.26
N THR B 203 -7.46 4.05 -0.86
CA THR B 203 -6.36 3.07 -0.84
C THR B 203 -5.37 3.35 0.28
N ARG B 204 -5.57 4.51 0.92
CA ARG B 204 -4.81 5.03 2.06
C ARG B 204 -5.65 6.06 2.82
N ASP B 205 -5.12 6.57 3.94
CA ASP B 205 -5.75 7.56 4.79
C ASP B 205 -5.56 8.90 4.14
N ILE B 206 -6.69 9.53 3.80
CA ILE B 206 -6.75 10.81 3.13
C ILE B 206 -7.07 11.92 4.12
N ALA B 207 -6.22 12.96 4.14
CA ALA B 207 -6.37 14.13 5.00
C ALA B 207 -7.31 15.16 4.40
N LYS B 208 -7.94 16.00 5.27
CA LYS B 208 -8.79 17.14 4.88
C LYS B 208 -7.96 18.04 3.95
N GLY B 209 -8.51 18.34 2.76
CA GLY B 209 -7.87 19.18 1.74
C GLY B 209 -7.05 18.41 0.72
N GLU B 210 -6.85 17.10 0.95
CA GLU B 210 -6.11 16.23 0.03
C GLU B 210 -7.00 16.00 -1.19
N ARG B 211 -6.48 16.24 -2.40
CA ARG B 211 -7.22 16.04 -3.65
C ARG B 211 -7.27 14.54 -3.96
N LEU B 212 -8.43 14.06 -4.46
CA LEU B 212 -8.62 12.66 -4.81
C LEU B 212 -8.04 12.31 -6.19
N TYR B 213 -7.37 11.13 -6.31
CA TYR B 213 -6.81 10.61 -7.58
C TYR B 213 -6.86 9.07 -7.67
N TYR B 214 -7.30 8.52 -8.82
CA TYR B 214 -7.31 7.08 -9.06
C TYR B 214 -6.79 6.83 -10.46
N ASP B 215 -6.40 5.57 -10.80
CA ASP B 215 -5.92 5.26 -12.15
C ASP B 215 -7.15 5.14 -13.06
N TYR B 216 -7.25 6.02 -14.10
CA TYR B 216 -8.35 6.03 -15.09
C TYR B 216 -8.22 4.81 -16.03
N ASN B 217 -6.99 4.27 -16.14
CA ASN B 217 -6.64 3.11 -16.96
C ASN B 217 -6.30 1.90 -16.07
N GLY B 218 -7.29 1.49 -15.25
CA GLY B 218 -7.21 0.45 -14.23
C GLY B 218 -7.27 -0.99 -14.71
N TYR B 219 -7.82 -1.19 -15.93
CA TYR B 219 -7.92 -2.49 -16.55
C TYR B 219 -7.51 -2.37 -18.02
N GLU B 220 -8.20 -1.51 -18.77
CA GLU B 220 -7.92 -1.21 -20.19
C GLU B 220 -7.07 0.06 -20.22
N HIS B 221 -6.64 0.45 -21.42
CA HIS B 221 -5.83 1.63 -21.65
C HIS B 221 -6.55 2.57 -22.65
N GLU B 222 -7.85 2.81 -22.39
CA GLU B 222 -8.74 3.59 -23.24
C GLU B 222 -8.84 5.09 -22.93
N TYR B 223 -8.10 5.58 -21.91
CA TYR B 223 -8.10 7.00 -21.56
C TYR B 223 -6.74 7.68 -21.75
N PRO B 224 -6.60 8.69 -22.67
CA PRO B 224 -5.30 9.41 -22.80
C PRO B 224 -5.01 10.35 -21.61
N THR B 225 -3.87 10.15 -20.92
CA THR B 225 -3.50 10.92 -19.72
C THR B 225 -2.09 11.58 -19.76
N GLN B 226 -1.39 11.57 -20.91
CA GLN B 226 -0.03 12.16 -20.95
C GLN B 226 0.13 13.62 -20.55
N HIS B 227 -0.93 14.43 -20.68
CA HIS B 227 -0.97 15.88 -20.39
C HIS B 227 -1.46 16.18 -18.95
N PHE B 228 -1.81 15.11 -18.20
CA PHE B 228 -2.32 15.16 -16.84
C PHE B 228 -1.31 15.69 -15.82
N VAL B 229 -1.83 16.18 -14.68
CA VAL B 229 -1.12 16.67 -13.50
C VAL B 229 -0.43 18.01 -13.71
N GLN C 1 -5.97 0.63 30.69
CA GLN C 1 -5.44 1.97 30.89
C GLN C 1 -3.92 2.08 30.74
N LEU C 2 -3.12 1.25 31.50
CA LEU C 2 -1.65 1.25 31.45
C LEU C 2 -1.14 1.11 30.03
N ALA C 3 -0.29 2.03 29.60
CA ALA C 3 0.30 2.04 28.27
C ALA C 3 1.18 0.82 28.11
N LYS C 5 3.35 -0.60 25.87
CA LYS C 5 4.24 -1.47 26.63
C LYS C 5 5.54 -1.75 25.86
N ALA C 6 5.45 -1.65 24.54
CA ALA C 6 6.52 -1.73 23.53
C ALA C 6 7.64 -2.61 22.92
N ALA C 7 7.21 -3.71 22.31
CA ALA C 7 8.06 -4.74 21.71
C ALA C 7 9.20 -4.21 20.86
CAA NMM C 8 15.07 -1.74 26.32
NH2 NMM C 8 14.15 -1.50 25.19
CZ NMM C 8 14.38 -1.70 23.89
NH1 NMM C 8 15.49 -2.19 23.50
NE NMM C 8 13.40 -1.39 23.02
CD NMM C 8 13.58 -1.27 21.56
CG NMM C 8 13.41 -2.57 20.78
CB NMM C 8 12.31 -3.43 21.40
CA NMM C 8 11.61 -4.36 20.42
C NMM C 8 12.44 -5.58 20.07
O NMM C 8 12.78 -6.42 21.19
N NMM C 8 10.38 -4.77 21.06
N LYS C 9 12.80 -5.70 18.81
CA LYS C 9 13.85 -6.65 18.44
C LYS C 9 15.27 -6.12 18.82
N SER C 10 16.20 -7.07 19.05
CA SER C 10 17.58 -6.80 19.43
C SER C 10 18.47 -7.79 18.75
N ALA C 11 19.68 -7.37 18.47
CA ALA C 11 20.68 -8.15 17.77
C ALA C 11 22.01 -8.05 18.49
N PRO C 12 22.90 -9.07 18.46
CA PRO C 12 24.22 -8.90 19.11
C PRO C 12 25.10 -7.87 18.36
N ALA C 13 25.99 -7.18 19.09
CA ALA C 13 26.95 -6.20 18.57
C ALA C 13 28.41 -6.77 18.61
N THR C 14 28.56 -8.05 19.05
CA THR C 14 29.80 -8.84 19.10
C THR C 14 29.53 -10.31 18.67
N GLY C 15 30.58 -11.03 18.27
CA GLY C 15 30.50 -12.46 17.94
C GLY C 15 30.34 -12.90 16.49
N GLY C 16 30.23 -11.94 15.58
CA GLY C 16 30.05 -12.19 14.16
C GLY C 16 28.73 -12.84 13.80
N VAL C 17 28.68 -13.46 12.61
CA VAL C 17 27.47 -14.15 12.18
C VAL C 17 27.56 -15.56 12.78
N LYS C 18 28.52 -16.37 12.29
CA LYS C 18 28.82 -17.74 12.73
C LYS C 18 30.12 -17.77 13.55
N LYS D 5 -10.46 9.12 -31.27
CA LYS D 5 -11.88 9.05 -30.94
C LYS D 5 -12.19 8.14 -29.74
N ALA D 6 -13.10 8.64 -28.88
CA ALA D 6 -13.73 8.11 -27.66
C ALA D 6 -13.27 7.45 -26.38
N ALA D 7 -12.71 8.29 -25.49
CA ALA D 7 -12.15 7.91 -24.20
C ALA D 7 -13.06 7.25 -23.16
CAA NMM D 8 -13.09 0.21 -26.42
NH2 NMM D 8 -13.95 1.19 -25.77
CZ NMM D 8 -14.26 1.28 -24.47
NH1 NMM D 8 -13.87 0.40 -23.66
NE NMM D 8 -14.99 2.31 -24.06
CD NMM D 8 -15.48 2.46 -22.69
CG NMM D 8 -15.07 3.77 -22.01
CB NMM D 8 -13.57 3.99 -22.03
CA NMM D 8 -13.25 5.39 -21.54
C NMM D 8 -12.34 5.35 -20.32
O NMM D 8 -11.10 4.72 -20.60
N NMM D 8 -12.57 6.15 -22.58
N LYS D 9 -12.87 5.59 -19.13
CA LYS D 9 -12.23 5.09 -17.92
C LYS D 9 -12.55 3.60 -17.72
N SER D 10 -11.57 2.85 -17.18
CA SER D 10 -11.71 1.42 -16.91
C SER D 10 -11.15 1.06 -15.55
N ALA D 11 -11.77 0.07 -14.94
CA ALA D 11 -11.47 -0.46 -13.62
C ALA D 11 -11.42 -1.99 -13.72
N PRO D 12 -10.58 -2.68 -12.91
CA PRO D 12 -10.54 -4.16 -12.99
C PRO D 12 -11.73 -4.88 -12.31
N ALA D 13 -12.02 -6.11 -12.76
CA ALA D 13 -13.10 -6.93 -12.22
C ALA D 13 -12.56 -8.03 -11.27
N THR D 14 -11.23 -8.10 -11.09
CA THR D 14 -10.51 -9.07 -10.22
C THR D 14 -9.45 -8.36 -9.34
N GLY D 15 -8.92 -9.07 -8.35
CA GLY D 15 -7.84 -8.59 -7.49
C GLY D 15 -8.17 -7.79 -6.23
N GLY D 16 -9.45 -7.42 -6.09
CA GLY D 16 -9.95 -6.64 -4.97
C GLY D 16 -9.42 -5.22 -4.96
N VAL D 17 -9.40 -4.60 -3.77
CA VAL D 17 -8.92 -3.23 -3.57
C VAL D 17 -7.41 -3.29 -3.32
N SAH E . 4.09 -10.06 10.37
CA SAH E . 4.51 -8.66 10.31
CB SAH E . 6.01 -8.42 9.95
CG SAH E . 7.01 -8.84 11.02
SD SAH E . 6.87 -7.67 12.41
C SAH E . 3.59 -7.79 9.43
O SAH E . 2.55 -8.41 8.96
OXT SAH E . 3.83 -6.58 9.23
C5' SAH E . 6.68 -8.79 13.83
C4' SAH E . 5.29 -9.37 13.99
O4' SAH E . 5.01 -10.41 13.01
C3' SAH E . 4.97 -10.01 15.33
O3' SAH E . 4.59 -9.06 16.31
C2' SAH E . 3.83 -10.98 14.97
O2' SAH E . 2.55 -10.34 14.90
C1' SAH E . 4.27 -11.46 13.58
N9 SAH E . 5.11 -12.66 13.59
C8 SAH E . 6.43 -12.73 13.25
N7 SAH E . 6.96 -13.92 13.37
C5 SAH E . 5.89 -14.71 13.80
C6 SAH E . 5.77 -16.10 14.03
N6 SAH E . 6.78 -16.96 13.97
N1 SAH E . 4.55 -16.56 14.37
C2 SAH E . 3.54 -15.70 14.52
N3 SAH E . 3.54 -14.37 14.35
C4 SAH E . 4.75 -13.94 13.96
N SAH F . -12.15 17.69 -14.48
CA SAH F . -13.39 17.14 -15.01
CB SAH F . -13.90 15.88 -14.26
CG SAH F . -13.02 14.66 -14.50
SD SAH F . -13.42 13.91 -16.12
C SAH F . -14.51 18.19 -15.23
O SAH F . -14.14 19.44 -15.07
OXT SAH F . -15.66 17.84 -15.60
C5' SAH F . -11.78 13.68 -16.88
C4' SAH F . -11.17 14.98 -17.36
O4' SAH F . -10.67 15.73 -16.24
C3' SAH F . -9.97 14.82 -18.30
O3' SAH F . -10.33 14.70 -19.67
C2' SAH F . -9.19 16.12 -18.05
O2' SAH F . -9.68 17.23 -18.78
C1' SAH F . -9.41 16.31 -16.54
N9 SAH F . -8.38 15.68 -15.70
C8 SAH F . -8.54 14.61 -14.86
N7 SAH F . -7.45 14.29 -14.19
C5 SAH F . -6.52 15.23 -14.62
C6 SAH F . -5.17 15.47 -14.27
N6 SAH F . -4.49 14.73 -13.39
N1 SAH F . -4.53 16.49 -14.90
C2 SAH F . -5.19 17.20 -15.81
N3 SAH F . -6.46 17.08 -16.22
C4 SAH F . -7.07 16.07 -15.57
#